data_6H9Y
#
_entry.id   6H9Y
#
_cell.length_a   38.988
_cell.length_b   54.725
_cell.length_c   67.433
_cell.angle_alpha   90.000
_cell.angle_beta   97.920
_cell.angle_gamma   90.000
#
_symmetry.space_group_name_H-M   'P 1 21 1'
#
loop_
_entity.id
_entity.type
_entity.pdbx_description
1 polymer 'Outer capsid protein VP4'
2 branched beta-D-galactopyranose-(1-3)-2-acetamido-2-deoxy-beta-D-glucopyranose
3 non-polymer 2-[BIS-(2-HYDROXY-ETHYL)-AMINO]-2-HYDROXYMETHYL-PROPANE-1,3-DIOL
4 water water
#
_entity_poly.entity_id   1
_entity_poly.type   'polypeptide(L)'
_entity_poly.pdbx_seq_one_letter_code
;GSMLDGPYQPTTFTPPSDYWILINSNTNGVVYESTNNSDFWTAVIAVEPHVDPVDRQYNVFGENKQFNVRNDSDKWKFLE
MFRGSSQNDFYNRRTLTSNTRLVGILKYGGRIWTFHGETPRATTDSSNTANLNGISITIHSEFYIIPRSQESKCNEYINN
GL
;
_entity_poly.pdbx_strand_id   A,B
#
loop_
_chem_comp.id
_chem_comp.type
_chem_comp.name
_chem_comp.formula
BTB non-polymer 2-[BIS-(2-HYDROXY-ETHYL)-AMINO]-2-HYDROXYMETHYL-PROPANE-1,3-DIOL 'C8 H19 N O5'
GAL D-saccharide, beta linking beta-D-galactopyranose 'C6 H12 O6'
NAG D-saccharide, beta linking 2-acetamido-2-deoxy-beta-D-glucopyranose 'C8 H15 N O6'
#
# COMPACT_ATOMS: atom_id res chain seq x y z
N GLY A 1 4.33 -35.08 10.76
CA GLY A 1 4.92 -35.62 9.52
C GLY A 1 6.28 -35.00 9.35
N SER A 2 6.62 -34.52 8.17
CA SER A 2 7.80 -33.71 7.98
C SER A 2 7.53 -32.30 8.48
N MET A 3 8.57 -31.63 8.97
CA MET A 3 8.51 -30.27 9.37
C MET A 3 8.14 -29.38 8.17
N LEU A 4 8.71 -29.66 7.00
CA LEU A 4 8.21 -29.06 5.72
C LEU A 4 7.10 -30.00 5.20
N ASP A 5 5.85 -29.73 5.51
CA ASP A 5 4.79 -30.74 5.24
C ASP A 5 4.11 -30.38 3.93
N GLY A 6 4.25 -31.26 2.94
CA GLY A 6 3.62 -31.05 1.64
C GLY A 6 4.49 -31.66 0.54
N PRO A 7 4.18 -31.34 -0.72
CA PRO A 7 3.17 -30.40 -1.20
C PRO A 7 1.75 -30.93 -1.12
N TYR A 8 0.84 -29.99 -0.94
CA TYR A 8 -0.59 -30.22 -1.00
C TYR A 8 -1.21 -29.55 -2.23
N GLN A 9 -2.19 -30.14 -2.86
CA GLN A 9 -2.84 -29.55 -4.05
C GLN A 9 -3.70 -28.37 -3.69
N PRO A 10 -3.98 -27.52 -4.67
CA PRO A 10 -4.83 -26.34 -4.46
C PRO A 10 -6.12 -26.69 -3.75
N THR A 11 -6.55 -25.93 -2.79
CA THR A 11 -7.80 -26.11 -2.11
C THR A 11 -8.21 -24.88 -1.38
N THR A 12 -9.36 -24.92 -0.73
CA THR A 12 -9.80 -23.90 0.20
C THR A 12 -9.91 -24.43 1.61
N PHE A 13 -9.42 -23.68 2.60
CA PHE A 13 -9.45 -24.14 3.97
C PHE A 13 -9.27 -22.94 4.91
N THR A 14 -9.53 -23.18 6.20
CA THR A 14 -9.27 -22.17 7.19
C THR A 14 -7.93 -22.50 7.86
N PRO A 15 -6.86 -21.78 7.55
CA PRO A 15 -5.60 -22.15 8.15
C PRO A 15 -5.64 -22.07 9.70
N PRO A 16 -5.10 -23.08 10.41
CA PRO A 16 -4.96 -22.98 11.81
C PRO A 16 -3.92 -21.87 12.21
N SER A 17 -4.07 -21.33 13.39
CA SER A 17 -3.03 -20.48 13.91
C SER A 17 -1.72 -21.19 14.07
N ASP A 18 -0.67 -20.40 13.93
CA ASP A 18 0.67 -20.82 14.22
C ASP A 18 1.38 -21.67 13.20
N TYR A 19 0.96 -21.60 11.94
CA TYR A 19 1.61 -22.39 10.89
C TYR A 19 1.72 -21.66 9.57
N TRP A 20 2.95 -21.43 9.13
CA TRP A 20 3.20 -20.74 7.85
C TRP A 20 2.58 -21.61 6.79
N ILE A 21 1.91 -21.02 5.82
CA ILE A 21 1.47 -21.67 4.59
C ILE A 21 2.40 -21.14 3.56
N LEU A 22 3.17 -21.98 2.88
CA LEU A 22 4.20 -21.62 1.88
C LEU A 22 3.73 -22.08 0.53
N ILE A 23 3.43 -21.20 -0.39
CA ILE A 23 2.75 -21.50 -1.63
C ILE A 23 3.78 -21.43 -2.76
N ASN A 24 3.86 -22.45 -3.57
CA ASN A 24 4.85 -22.54 -4.65
C ASN A 24 4.15 -22.14 -5.91
N SER A 25 4.17 -20.88 -6.27
CA SER A 25 3.46 -20.35 -7.47
C SER A 25 4.12 -20.88 -8.71
N ASN A 26 3.28 -21.45 -9.62
CA ASN A 26 3.87 -21.99 -10.85
C ASN A 26 3.31 -21.34 -12.13
N THR A 27 2.59 -20.25 -11.96
CA THR A 27 2.07 -19.51 -13.11
C THR A 27 1.71 -18.09 -12.70
N ASN A 28 1.44 -17.26 -13.71
CA ASN A 28 0.90 -15.94 -13.44
C ASN A 28 -0.53 -15.94 -13.02
N GLY A 29 -1.02 -14.80 -12.59
CA GLY A 29 -2.43 -14.61 -12.23
C GLY A 29 -2.61 -14.76 -10.71
N VAL A 30 -3.77 -15.17 -10.26
CA VAL A 30 -4.13 -15.14 -8.86
C VAL A 30 -3.51 -16.35 -8.17
N VAL A 31 -2.68 -16.10 -7.15
CA VAL A 31 -2.03 -17.15 -6.36
C VAL A 31 -2.95 -17.60 -5.31
N TYR A 32 -3.47 -16.72 -4.49
CA TYR A 32 -4.47 -17.05 -3.48
C TYR A 32 -5.38 -15.88 -3.20
N GLU A 33 -6.49 -16.19 -2.61
CA GLU A 33 -7.53 -15.24 -2.12
C GLU A 33 -7.83 -15.58 -0.70
N SER A 34 -7.73 -14.64 0.18
CA SER A 34 -7.97 -14.90 1.61
C SER A 34 -8.87 -13.83 2.22
N THR A 35 -9.92 -14.15 2.92
CA THR A 35 -10.83 -13.23 3.52
C THR A 35 -11.53 -13.85 4.71
N ASN A 36 -12.00 -12.98 5.58
CA ASN A 36 -12.99 -13.31 6.59
C ASN A 36 -14.35 -12.74 6.26
N ASN A 37 -14.49 -12.05 5.14
CA ASN A 37 -15.75 -11.43 4.70
CA ASN A 37 -15.73 -11.47 4.67
C ASN A 37 -16.21 -10.34 5.59
N SER A 38 -15.34 -9.79 6.45
CA SER A 38 -15.72 -8.70 7.35
C SER A 38 -14.77 -7.56 7.30
N ASP A 39 -13.49 -7.75 7.58
CA ASP A 39 -12.55 -6.63 7.58
C ASP A 39 -11.17 -6.89 6.85
N PHE A 40 -11.09 -8.04 6.16
CA PHE A 40 -9.81 -8.48 5.61
C PHE A 40 -10.04 -9.20 4.29
N TRP A 41 -9.48 -8.63 3.22
CA TRP A 41 -9.47 -9.30 1.90
C TRP A 41 -8.08 -9.11 1.34
N THR A 42 -7.36 -10.19 1.13
CA THR A 42 -6.12 -10.17 0.45
CA THR A 42 -6.07 -10.17 0.43
C THR A 42 -6.08 -11.11 -0.71
N ALA A 43 -5.66 -10.63 -1.91
CA ALA A 43 -5.34 -11.49 -2.96
C ALA A 43 -3.94 -11.29 -3.42
N VAL A 44 -3.17 -12.34 -3.69
CA VAL A 44 -1.84 -12.26 -4.22
C VAL A 44 -1.84 -12.51 -5.69
N ILE A 45 -1.29 -11.59 -6.44
CA ILE A 45 -1.22 -11.75 -7.90
C ILE A 45 0.21 -11.91 -8.36
N ALA A 46 0.49 -12.86 -9.21
CA ALA A 46 1.79 -13.19 -9.78
C ALA A 46 1.95 -12.53 -11.10
N VAL A 47 3.04 -11.83 -11.30
CA VAL A 47 3.38 -11.15 -12.55
C VAL A 47 4.74 -11.68 -13.01
N GLU A 48 4.77 -12.29 -14.18
CA GLU A 48 5.97 -12.85 -14.77
C GLU A 48 7.06 -11.77 -15.02
N PRO A 49 8.29 -12.23 -15.29
CA PRO A 49 9.45 -11.38 -15.54
C PRO A 49 9.33 -10.45 -16.74
N HIS A 50 9.67 -9.19 -16.57
CA HIS A 50 9.69 -8.17 -17.64
C HIS A 50 8.38 -7.86 -18.30
N VAL A 51 7.44 -7.46 -17.48
CA VAL A 51 6.17 -7.03 -17.93
C VAL A 51 6.10 -5.53 -17.83
N ASP A 52 5.94 -4.88 -19.00
CA ASP A 52 5.74 -3.43 -19.05
C ASP A 52 4.45 -3.01 -18.40
N PRO A 53 4.38 -1.82 -17.82
CA PRO A 53 3.14 -1.43 -17.13
C PRO A 53 1.87 -1.68 -17.96
N VAL A 54 0.86 -2.28 -17.32
CA VAL A 54 -0.37 -2.67 -18.02
C VAL A 54 -1.47 -2.98 -17.01
N ASP A 55 -2.72 -2.85 -17.43
CA ASP A 55 -3.86 -3.15 -16.57
C ASP A 55 -4.40 -4.53 -16.94
N ARG A 56 -4.30 -5.49 -16.03
CA ARG A 56 -4.77 -6.84 -16.29
C ARG A 56 -6.02 -7.12 -15.47
N GLN A 57 -6.79 -8.07 -16.01
CA GLN A 57 -7.96 -8.55 -15.27
C GLN A 57 -7.65 -9.74 -14.38
N TYR A 58 -8.22 -9.70 -13.19
CA TYR A 58 -8.08 -10.78 -12.20
C TYR A 58 -9.43 -11.04 -11.58
N ASN A 59 -9.83 -12.31 -11.45
CA ASN A 59 -11.05 -12.57 -10.78
C ASN A 59 -10.67 -12.83 -9.31
N VAL A 60 -11.23 -12.01 -8.42
CA VAL A 60 -10.89 -12.17 -6.98
C VAL A 60 -12.18 -11.99 -6.16
N PHE A 61 -12.41 -12.91 -5.26
CA PHE A 61 -13.63 -12.90 -4.41
C PHE A 61 -14.85 -12.85 -5.30
N GLY A 62 -14.75 -13.62 -6.38
CA GLY A 62 -15.88 -13.78 -7.37
C GLY A 62 -16.12 -12.68 -8.33
N GLU A 63 -15.31 -11.61 -8.37
CA GLU A 63 -15.54 -10.48 -9.24
C GLU A 63 -14.32 -10.20 -10.05
N ASN A 64 -14.56 -9.75 -11.28
CA ASN A 64 -13.45 -9.40 -12.17
C ASN A 64 -13.00 -7.97 -11.80
N LYS A 65 -11.75 -7.76 -11.50
CA LYS A 65 -11.16 -6.47 -11.18
C LYS A 65 -9.99 -6.21 -12.11
N GLN A 66 -9.76 -4.93 -12.42
CA GLN A 66 -8.63 -4.49 -13.18
C GLN A 66 -7.58 -3.92 -12.23
N PHE A 67 -6.38 -4.46 -12.37
CA PHE A 67 -5.26 -4.04 -11.48
C PHE A 67 -4.15 -3.58 -12.37
N ASN A 68 -3.50 -2.47 -11.96
CA ASN A 68 -2.31 -2.05 -12.71
C ASN A 68 -1.10 -2.83 -12.23
N VAL A 69 -0.36 -3.43 -13.20
CA VAL A 69 0.78 -4.25 -12.82
C VAL A 69 1.99 -3.95 -13.69
N ARG A 70 3.13 -4.23 -13.15
CA ARG A 70 4.37 -4.18 -13.91
C ARG A 70 5.40 -4.99 -13.16
N ASN A 71 6.44 -5.42 -13.91
CA ASN A 71 7.54 -6.12 -13.26
C ASN A 71 8.74 -5.90 -14.16
N ASP A 72 9.65 -5.07 -13.67
CA ASP A 72 10.88 -4.75 -14.42
C ASP A 72 12.08 -5.57 -13.95
N SER A 73 11.84 -6.81 -13.53
CA SER A 73 12.90 -7.67 -13.10
C SER A 73 12.89 -9.00 -13.84
N ASP A 74 13.95 -9.77 -13.60
CA ASP A 74 14.07 -11.11 -14.14
C ASP A 74 13.33 -12.02 -13.16
N LYS A 75 13.21 -11.55 -11.92
CA LYS A 75 12.51 -12.28 -10.88
C LYS A 75 10.98 -12.14 -11.05
N TRP A 76 10.26 -13.04 -10.41
CA TRP A 76 8.81 -13.01 -10.40
C TRP A 76 8.37 -11.98 -9.37
N LYS A 77 7.23 -11.36 -9.61
CA LYS A 77 6.69 -10.33 -8.72
C LYS A 77 5.31 -10.77 -8.23
N PHE A 78 5.13 -10.61 -6.93
CA PHE A 78 3.89 -10.97 -6.27
C PHE A 78 3.31 -9.76 -5.59
N LEU A 79 2.17 -9.30 -6.09
CA LEU A 79 1.50 -8.14 -5.50
C LEU A 79 0.42 -8.55 -4.52
N GLU A 80 0.47 -7.99 -3.31
CA GLU A 80 -0.66 -8.05 -2.37
C GLU A 80 -1.67 -7.02 -2.67
N MET A 81 -2.85 -7.44 -3.05
CA MET A 81 -3.98 -6.51 -3.27
C MET A 81 -4.87 -6.61 -2.08
N PHE A 82 -5.21 -5.55 -1.39
CA PHE A 82 -5.99 -5.60 -0.14
C PHE A 82 -7.15 -4.64 -0.18
N ARG A 83 -8.18 -5.03 0.54
CA ARG A 83 -9.18 -4.06 1.04
C ARG A 83 -9.61 -4.48 2.43
N GLY A 84 -10.03 -3.51 3.20
CA GLY A 84 -10.49 -3.74 4.58
C GLY A 84 -11.92 -3.58 4.80
N SER A 85 -12.64 -3.27 3.70
CA SER A 85 -14.07 -3.22 3.77
CA SER A 85 -14.07 -3.03 3.76
C SER A 85 -14.58 -3.49 2.41
N SER A 86 -15.79 -4.06 2.33
CA SER A 86 -16.30 -4.56 1.07
C SER A 86 -16.51 -3.56 -0.02
N GLN A 87 -16.71 -2.31 0.36
CA GLN A 87 -17.00 -1.27 -0.61
C GLN A 87 -15.74 -0.58 -1.16
N ASN A 88 -14.57 -0.83 -0.59
CA ASN A 88 -13.33 -0.09 -0.96
C ASN A 88 -12.68 -0.81 -2.13
N ASP A 89 -12.10 -0.07 -3.04
CA ASP A 89 -11.31 -0.65 -4.10
C ASP A 89 -10.05 -1.24 -3.51
N PHE A 90 -9.66 -2.37 -4.07
CA PHE A 90 -8.38 -2.96 -3.68
C PHE A 90 -7.24 -1.99 -3.96
N TYR A 91 -6.28 -2.00 -3.08
CA TYR A 91 -5.01 -1.29 -3.28
C TYR A 91 -3.82 -2.22 -3.19
N ASN A 92 -2.69 -1.85 -3.80
CA ASN A 92 -1.48 -2.66 -3.80
C ASN A 92 -0.80 -2.35 -2.50
N ARG A 93 -0.94 -3.22 -1.51
CA ARG A 93 -0.44 -3.00 -0.17
C ARG A 93 1.06 -3.29 0.02
N ARG A 94 1.50 -4.35 -0.65
CA ARG A 94 2.91 -4.86 -0.52
C ARG A 94 3.28 -5.58 -1.75
N THR A 95 4.56 -5.72 -2.01
CA THR A 95 5.13 -6.52 -3.02
C THR A 95 6.25 -7.39 -2.54
N LEU A 96 6.36 -8.52 -3.24
CA LEU A 96 7.46 -9.47 -3.08
C LEU A 96 8.06 -9.81 -4.44
N THR A 97 9.30 -9.46 -4.68
CA THR A 97 10.07 -9.75 -5.89
C THR A 97 10.97 -10.90 -5.58
N SER A 98 10.80 -12.00 -6.32
CA SER A 98 11.30 -13.27 -5.88
C SER A 98 11.81 -14.15 -6.99
N ASN A 99 13.00 -14.68 -6.85
CA ASN A 99 13.49 -15.67 -7.77
C ASN A 99 12.97 -17.08 -7.45
N THR A 100 12.42 -17.33 -6.26
CA THR A 100 12.06 -18.63 -5.83
C THR A 100 10.60 -18.96 -6.07
N ARG A 101 9.80 -17.91 -6.32
CA ARG A 101 8.38 -18.08 -6.64
C ARG A 101 7.52 -18.52 -5.47
N LEU A 102 8.09 -18.45 -4.27
CA LEU A 102 7.37 -18.85 -3.01
C LEU A 102 6.78 -17.65 -2.29
N VAL A 103 5.56 -17.75 -1.86
CA VAL A 103 4.91 -16.71 -1.03
C VAL A 103 4.47 -17.37 0.27
N GLY A 104 4.31 -16.61 1.34
CA GLY A 104 4.00 -17.17 2.63
C GLY A 104 2.85 -16.40 3.34
N ILE A 105 2.01 -17.03 4.06
CA ILE A 105 0.97 -16.38 4.88
C ILE A 105 0.88 -17.15 6.18
N LEU A 106 0.76 -16.42 7.29
CA LEU A 106 0.70 -17.05 8.62
C LEU A 106 -0.34 -16.33 9.50
N LYS A 107 -1.05 -17.04 10.35
CA LYS A 107 -1.88 -16.47 11.38
C LYS A 107 -1.03 -16.60 12.66
N TYR A 108 -0.70 -15.51 13.34
CA TYR A 108 0.08 -15.58 14.56
C TYR A 108 -0.04 -14.30 15.36
N GLY A 109 -0.12 -14.42 16.69
CA GLY A 109 -0.03 -13.22 17.43
C GLY A 109 -1.18 -12.24 17.17
N GLY A 110 -2.33 -12.78 16.80
CA GLY A 110 -3.44 -11.92 16.46
C GLY A 110 -3.54 -11.28 15.12
N ARG A 111 -2.48 -11.42 14.33
CA ARG A 111 -2.46 -10.80 13.01
C ARG A 111 -1.83 -11.65 11.93
N ILE A 112 -2.20 -11.34 10.69
CA ILE A 112 -1.69 -12.02 9.51
C ILE A 112 -0.31 -11.60 9.14
N TRP A 113 0.60 -12.54 8.89
CA TRP A 113 1.99 -12.22 8.48
C TRP A 113 2.22 -12.73 7.09
N THR A 114 2.94 -11.93 6.34
CA THR A 114 3.35 -12.30 5.01
C THR A 114 4.79 -11.90 4.78
N PHE A 115 5.42 -12.39 3.69
CA PHE A 115 6.75 -11.93 3.31
C PHE A 115 6.68 -10.90 2.22
N HIS A 116 7.60 -9.91 2.20
CA HIS A 116 7.63 -8.88 1.22
C HIS A 116 9.08 -8.45 1.03
N GLY A 117 9.34 -7.59 0.08
CA GLY A 117 10.64 -7.11 -0.26
C GLY A 117 11.20 -7.82 -1.48
N GLU A 118 12.46 -8.12 -1.47
CA GLU A 118 13.16 -8.76 -2.59
C GLU A 118 14.05 -9.84 -2.15
N THR A 119 13.89 -11.05 -2.65
CA THR A 119 14.82 -12.16 -2.36
C THR A 119 16.27 -11.78 -2.84
N PRO A 120 17.24 -12.20 -2.04
CA PRO A 120 17.19 -13.14 -0.93
C PRO A 120 17.06 -12.45 0.44
N ARG A 121 16.57 -11.22 0.48
CA ARG A 121 16.45 -10.51 1.73
C ARG A 121 15.03 -10.21 2.13
N ALA A 122 14.06 -10.94 1.58
CA ALA A 122 12.69 -10.67 1.98
C ALA A 122 12.47 -10.82 3.43
N THR A 123 11.58 -10.03 4.01
CA THR A 123 11.26 -10.01 5.44
C THR A 123 9.80 -10.17 5.69
N THR A 124 9.35 -10.31 6.92
CA THR A 124 7.94 -10.40 7.22
C THR A 124 7.35 -9.10 7.61
N ASP A 125 6.03 -9.07 7.49
CA ASP A 125 5.24 -7.91 7.98
C ASP A 125 3.89 -8.32 8.36
N SER A 126 3.26 -7.58 9.25
CA SER A 126 1.94 -7.90 9.81
C SER A 126 0.80 -7.04 9.30
N SER A 127 -0.38 -7.67 9.36
CA SER A 127 -1.64 -6.99 8.99
C SER A 127 -2.64 -7.29 10.08
N ASN A 128 -3.29 -6.27 10.56
CA ASN A 128 -4.29 -6.35 11.66
C ASN A 128 -5.63 -6.81 11.17
N THR A 129 -6.43 -7.43 12.07
CA THR A 129 -7.78 -7.84 11.79
C THR A 129 -8.51 -7.92 13.17
N ALA A 130 -9.82 -7.75 13.18
CA ALA A 130 -10.64 -8.00 14.35
C ALA A 130 -11.35 -9.35 14.21
N ASN A 131 -10.99 -10.17 13.23
CA ASN A 131 -11.58 -11.53 13.09
C ASN A 131 -10.54 -12.42 12.36
N LEU A 132 -9.51 -12.69 13.15
CA LEU A 132 -8.48 -13.57 12.61
C LEU A 132 -9.05 -14.96 12.35
N ASN A 133 -9.81 -15.51 13.33
CA ASN A 133 -10.25 -16.91 13.20
C ASN A 133 -11.10 -17.12 12.00
N GLY A 134 -11.82 -16.10 11.53
CA GLY A 134 -12.73 -16.21 10.42
C GLY A 134 -12.01 -16.25 9.05
N ILE A 135 -10.72 -16.00 9.00
CA ILE A 135 -10.02 -15.83 7.72
C ILE A 135 -9.80 -17.21 7.11
N SER A 136 -10.33 -17.38 5.94
CA SER A 136 -10.05 -18.60 5.15
CA SER A 136 -10.11 -18.58 5.13
C SER A 136 -9.24 -18.25 3.94
N ILE A 137 -8.77 -19.23 3.24
CA ILE A 137 -7.92 -19.09 2.05
C ILE A 137 -8.31 -20.02 0.94
N THR A 138 -8.32 -19.50 -0.28
CA THR A 138 -8.45 -20.40 -1.47
C THR A 138 -7.10 -20.28 -2.15
N ILE A 139 -6.36 -21.37 -2.26
CA ILE A 139 -5.00 -21.41 -2.82
C ILE A 139 -5.06 -22.05 -4.17
N HIS A 140 -4.41 -21.44 -5.19
CA HIS A 140 -4.46 -21.91 -6.55
C HIS A 140 -3.24 -22.61 -7.07
N SER A 141 -2.28 -22.80 -6.16
CA SER A 141 -1.06 -23.55 -6.48
C SER A 141 -0.74 -24.53 -5.30
N GLU A 142 0.22 -25.37 -5.53
CA GLU A 142 0.63 -26.26 -4.46
C GLU A 142 1.24 -25.51 -3.28
N PHE A 143 1.07 -26.09 -2.12
CA PHE A 143 1.54 -25.44 -0.93
C PHE A 143 2.04 -26.40 0.17
N TYR A 144 2.78 -25.82 1.09
CA TYR A 144 3.34 -26.56 2.21
C TYR A 144 2.86 -25.92 3.49
N ILE A 145 3.13 -26.62 4.58
CA ILE A 145 2.72 -26.14 5.95
C ILE A 145 3.98 -26.30 6.85
N ILE A 146 4.41 -25.23 7.56
CA ILE A 146 5.62 -25.25 8.41
C ILE A 146 5.21 -24.56 9.71
N PRO A 147 5.60 -25.13 10.87
CA PRO A 147 5.17 -24.44 12.09
C PRO A 147 5.84 -23.04 12.22
N ARG A 148 5.19 -22.09 12.89
CA ARG A 148 5.76 -20.76 13.08
C ARG A 148 7.07 -20.81 13.88
N SER A 149 7.21 -21.80 14.75
CA SER A 149 8.38 -21.95 15.57
C SER A 149 9.58 -22.17 14.65
N GLN A 150 9.35 -22.66 13.42
CA GLN A 150 10.39 -22.97 12.43
C GLN A 150 10.41 -21.94 11.30
N GLU A 151 10.13 -20.71 11.66
CA GLU A 151 10.17 -19.64 10.71
C GLU A 151 11.56 -19.52 10.10
N SER A 152 12.65 -19.70 10.84
CA SER A 152 13.98 -19.60 10.22
C SER A 152 14.07 -20.45 8.96
N LYS A 153 13.51 -21.64 9.00
CA LYS A 153 13.47 -22.51 7.84
C LYS A 153 12.57 -21.92 6.72
N CYS A 154 11.40 -21.43 7.15
CA CYS A 154 10.48 -20.82 6.19
C CYS A 154 11.17 -19.64 5.44
N ASN A 155 11.86 -18.83 6.20
CA ASN A 155 12.56 -17.65 5.69
C ASN A 155 13.67 -18.14 4.66
N GLU A 156 14.40 -19.21 5.03
CA GLU A 156 15.41 -19.73 4.10
C GLU A 156 14.70 -20.16 2.82
N TYR A 157 13.58 -20.87 2.90
CA TYR A 157 12.90 -21.29 1.69
C TYR A 157 12.41 -20.12 0.85
N ILE A 158 11.71 -19.16 1.51
CA ILE A 158 11.27 -18.01 0.79
C ILE A 158 12.44 -17.38 -0.02
N ASN A 159 13.53 -17.14 0.65
CA ASN A 159 14.64 -16.41 0.08
C ASN A 159 15.63 -17.15 -0.82
N ASN A 160 15.81 -18.44 -0.54
CA ASN A 160 16.82 -19.28 -1.23
C ASN A 160 16.20 -20.41 -2.00
N GLY A 161 14.97 -20.78 -1.82
CA GLY A 161 14.30 -21.86 -2.52
C GLY A 161 14.17 -23.11 -1.68
N LEU A 162 13.26 -23.94 -2.12
CA LEU A 162 13.16 -25.29 -1.61
C LEU A 162 14.43 -26.10 -1.89
N MET B 3 17.14 1.88 1.95
CA MET B 3 16.22 1.71 0.78
C MET B 3 14.77 1.60 1.31
N LEU B 4 13.82 0.93 0.63
CA LEU B 4 12.42 1.10 0.92
C LEU B 4 12.02 0.47 2.25
N ASP B 5 11.46 1.25 3.17
CA ASP B 5 11.17 0.75 4.50
C ASP B 5 9.68 0.89 4.76
N GLY B 6 9.07 -0.14 5.29
CA GLY B 6 7.68 -0.13 5.56
C GLY B 6 6.99 -1.37 4.96
N PRO B 7 5.66 -1.39 4.90
CA PRO B 7 4.78 -0.35 5.33
C PRO B 7 4.59 -0.16 6.83
N TYR B 8 4.33 1.04 7.23
CA TYR B 8 3.97 1.38 8.56
C TYR B 8 2.57 1.81 8.70
N GLN B 9 1.93 1.51 9.83
CA GLN B 9 0.57 1.87 10.10
C GLN B 9 0.33 3.33 10.33
N PRO B 10 -0.90 3.82 10.08
CA PRO B 10 -1.23 5.23 10.33
C PRO B 10 -0.74 5.71 11.68
N THR B 11 -0.06 6.87 11.67
CA THR B 11 0.50 7.44 12.91
C THR B 11 0.80 8.91 12.70
N THR B 12 1.31 9.55 13.72
CA THR B 12 1.70 10.97 13.72
C THR B 12 3.16 11.09 14.03
N PHE B 13 3.92 11.93 13.35
CA PHE B 13 5.35 12.18 13.70
C PHE B 13 5.80 13.44 13.02
N THR B 14 6.98 13.91 13.31
CA THR B 14 7.64 15.01 12.68
C THR B 14 8.43 14.43 11.50
N PRO B 15 8.11 14.77 10.28
CA PRO B 15 8.87 14.18 9.17
C PRO B 15 10.33 14.43 9.36
N PRO B 16 11.18 13.44 9.03
CA PRO B 16 12.64 13.62 9.17
C PRO B 16 13.21 14.27 7.93
N SER B 17 14.27 15.00 8.12
CA SER B 17 14.96 15.57 6.97
C SER B 17 15.56 14.46 6.11
N ASP B 18 15.43 14.67 4.82
CA ASP B 18 16.11 13.84 3.88
C ASP B 18 15.62 12.40 3.67
N TYR B 19 14.36 12.22 3.99
CA TYR B 19 13.67 10.98 3.66
C TYR B 19 12.31 11.30 3.06
N TRP B 20 11.98 10.63 1.98
CA TRP B 20 10.64 10.72 1.37
C TRP B 20 9.69 9.81 2.18
N ILE B 21 8.54 10.36 2.51
CA ILE B 21 7.42 9.62 3.11
C ILE B 21 6.47 9.32 1.93
N LEU B 22 6.34 8.06 1.59
CA LEU B 22 5.51 7.63 0.46
C LEU B 22 4.21 7.00 1.02
N ILE B 23 3.11 7.70 0.88
CA ILE B 23 1.86 7.33 1.59
C ILE B 23 1.05 6.50 0.57
N ASN B 24 0.58 5.32 0.97
CA ASN B 24 -0.13 4.33 0.07
C ASN B 24 -1.58 4.50 0.42
N SER B 25 -2.23 5.39 -0.36
CA SER B 25 -3.64 5.74 -0.01
C SER B 25 -4.55 4.54 -0.24
N ASN B 26 -5.47 4.29 0.69
CA ASN B 26 -6.32 3.11 0.58
CA ASN B 26 -6.32 3.11 0.64
C ASN B 26 -7.80 3.44 0.42
N THR B 27 -8.19 4.67 0.56
CA THR B 27 -9.60 5.05 0.48
CA THR B 27 -9.59 5.02 0.37
C THR B 27 -9.72 6.50 0.04
N ASN B 28 -10.93 6.91 -0.30
CA ASN B 28 -11.22 8.35 -0.47
C ASN B 28 -11.21 9.05 0.92
N GLY B 29 -11.19 10.38 0.93
CA GLY B 29 -11.14 11.08 2.20
C GLY B 29 -9.83 11.70 2.49
N VAL B 30 -9.58 11.90 3.78
CA VAL B 30 -8.33 12.60 4.23
C VAL B 30 -7.21 11.60 4.20
N VAL B 31 -6.15 11.90 3.48
CA VAL B 31 -4.97 11.06 3.37
C VAL B 31 -3.97 11.42 4.43
N TYR B 32 -3.67 12.73 4.63
CA TYR B 32 -2.85 13.16 5.73
C TYR B 32 -3.19 14.60 6.10
N GLU B 33 -2.74 15.03 7.24
CA GLU B 33 -2.88 16.38 7.71
C GLU B 33 -1.54 16.79 8.25
N SER B 34 -1.01 17.92 7.80
CA SER B 34 0.32 18.40 8.20
C SER B 34 0.26 19.88 8.62
N THR B 35 0.78 20.23 9.79
CA THR B 35 0.79 21.64 10.21
C THR B 35 1.91 21.91 11.18
N ASN B 36 2.34 23.16 11.22
CA ASN B 36 3.18 23.68 12.25
C ASN B 36 2.39 24.67 13.17
N ASN B 37 1.08 24.78 12.98
CA ASN B 37 0.24 25.71 13.77
C ASN B 37 0.68 27.17 13.64
N SER B 38 1.46 27.53 12.64
CA SER B 38 1.84 28.94 12.42
C SER B 38 1.62 29.45 11.02
N ASP B 39 2.33 28.89 10.03
CA ASP B 39 2.15 29.36 8.67
C ASP B 39 2.04 28.27 7.62
N PHE B 40 1.75 27.08 8.07
CA PHE B 40 1.64 25.91 7.15
C PHE B 40 0.61 24.92 7.63
N TRP B 41 -0.40 24.73 6.85
CA TRP B 41 -1.44 23.68 7.01
C TRP B 41 -1.66 23.04 5.67
N THR B 42 -1.36 21.77 5.50
CA THR B 42 -1.73 21.06 4.27
C THR B 42 -2.48 19.79 4.62
N ALA B 43 -3.65 19.61 4.09
CA ALA B 43 -4.36 18.35 4.11
C ALA B 43 -4.53 17.84 2.76
N VAL B 44 -4.20 16.58 2.49
CA VAL B 44 -4.48 15.96 1.23
C VAL B 44 -5.73 15.16 1.28
N ILE B 45 -6.61 15.41 0.34
CA ILE B 45 -7.93 14.76 0.17
CA ILE B 45 -7.86 14.67 0.26
C ILE B 45 -7.89 13.86 -1.05
N ALA B 46 -8.38 12.65 -0.93
CA ALA B 46 -8.49 11.69 -2.07
C ALA B 46 -9.89 11.60 -2.64
N VAL B 47 -9.99 11.80 -3.94
CA VAL B 47 -11.28 11.72 -4.64
C VAL B 47 -11.16 10.60 -5.65
N GLU B 48 -11.99 9.59 -5.48
CA GLU B 48 -11.94 8.37 -6.33
C GLU B 48 -12.35 8.71 -7.75
N PRO B 49 -12.04 7.76 -8.67
CA PRO B 49 -12.48 8.04 -10.07
C PRO B 49 -13.98 8.25 -10.20
N HIS B 50 -14.34 9.02 -11.19
CA HIS B 50 -15.70 9.16 -11.71
C HIS B 50 -16.71 9.63 -10.62
N VAL B 51 -16.41 10.77 -10.07
CA VAL B 51 -17.26 11.41 -9.07
C VAL B 51 -17.82 12.67 -9.72
N ASP B 52 -19.16 12.70 -9.80
CA ASP B 52 -19.88 13.89 -10.23
C ASP B 52 -19.75 14.98 -9.15
N PRO B 53 -19.76 16.27 -9.55
CA PRO B 53 -19.64 17.31 -8.53
C PRO B 53 -20.55 17.18 -7.31
N VAL B 54 -19.92 17.24 -6.12
CA VAL B 54 -20.62 16.96 -4.90
C VAL B 54 -19.94 17.62 -3.74
N ASP B 55 -20.75 18.08 -2.79
CA ASP B 55 -20.17 18.52 -1.54
C ASP B 55 -19.86 17.37 -0.59
N ARG B 56 -18.61 17.31 -0.11
CA ARG B 56 -18.24 16.29 0.82
C ARG B 56 -17.63 16.93 2.06
N GLN B 57 -17.74 16.12 3.14
CA GLN B 57 -17.26 16.51 4.46
C GLN B 57 -15.95 15.83 4.81
N TYR B 58 -15.01 16.64 5.30
CA TYR B 58 -13.70 16.20 5.69
C TYR B 58 -13.30 16.75 7.04
N ASN B 59 -12.82 15.90 7.92
CA ASN B 59 -12.33 16.38 9.21
C ASN B 59 -10.84 16.62 9.18
N VAL B 60 -10.44 17.90 9.21
CA VAL B 60 -9.03 18.24 9.07
C VAL B 60 -8.60 19.21 10.18
N PHE B 61 -7.55 18.88 10.90
CA PHE B 61 -7.03 19.65 12.04
C PHE B 61 -8.14 19.81 13.09
N GLY B 62 -8.95 18.77 13.26
CA GLY B 62 -10.01 18.81 14.27
C GLY B 62 -11.24 19.60 13.89
N GLU B 63 -11.36 20.03 12.64
CA GLU B 63 -12.39 21.00 12.10
C GLU B 63 -13.17 20.22 10.96
N ASN B 64 -14.49 20.20 11.00
CA ASN B 64 -15.25 19.69 9.84
C ASN B 64 -15.25 20.75 8.74
N LYS B 65 -14.80 20.40 7.52
CA LYS B 65 -14.81 21.24 6.40
C LYS B 65 -15.62 20.58 5.28
N GLN B 66 -16.37 21.40 4.59
CA GLN B 66 -17.09 20.96 3.41
C GLN B 66 -16.35 21.48 2.20
N PHE B 67 -15.96 20.58 1.29
CA PHE B 67 -15.40 21.00 0.03
C PHE B 67 -16.21 20.37 -1.07
N ASN B 68 -16.32 21.11 -2.15
CA ASN B 68 -17.01 20.64 -3.38
C ASN B 68 -15.95 19.97 -4.30
N VAL B 69 -16.15 18.70 -4.65
CA VAL B 69 -15.16 17.94 -5.36
C VAL B 69 -15.78 17.28 -6.57
N ARG B 70 -14.91 16.86 -7.48
CA ARG B 70 -15.32 16.21 -8.72
C ARG B 70 -14.14 15.54 -9.32
N ASN B 71 -14.38 14.42 -9.99
CA ASN B 71 -13.28 13.74 -10.74
C ASN B 71 -13.91 13.07 -11.91
N ASP B 72 -13.63 13.53 -12.98
CA ASP B 72 -14.22 12.95 -14.20
C ASP B 72 -13.28 11.97 -14.92
N SER B 73 -12.11 11.62 -14.20
CA SER B 73 -11.23 10.68 -14.88
C SER B 73 -11.42 9.26 -14.36
N ASP B 74 -10.51 8.46 -15.00
CA ASP B 74 -10.34 7.06 -14.61
C ASP B 74 -9.37 6.95 -13.43
N LYS B 75 -8.52 8.00 -13.06
CA LYS B 75 -7.52 8.01 -12.00
C LYS B 75 -8.12 8.65 -10.77
N TRP B 76 -7.39 8.33 -9.70
CA TRP B 76 -7.63 9.04 -8.42
C TRP B 76 -7.03 10.44 -8.45
N LYS B 77 -7.68 11.33 -7.74
CA LYS B 77 -7.18 12.67 -7.52
C LYS B 77 -6.85 12.90 -6.08
N PHE B 78 -5.72 13.56 -5.84
CA PHE B 78 -5.21 13.86 -4.50
C PHE B 78 -5.03 15.35 -4.52
N LEU B 79 -5.85 16.01 -3.71
CA LEU B 79 -5.88 17.50 -3.69
C LEU B 79 -5.16 17.96 -2.49
N GLU B 80 -4.18 18.88 -2.66
CA GLU B 80 -3.48 19.52 -1.52
C GLU B 80 -4.28 20.70 -1.14
N MET B 81 -5.02 20.65 -0.03
CA MET B 81 -5.70 21.77 0.53
C MET B 81 -4.83 22.53 1.51
N PHE B 82 -4.56 23.84 1.31
CA PHE B 82 -3.58 24.57 2.04
C PHE B 82 -4.23 25.77 2.68
N ARG B 83 -3.71 26.15 3.81
CA ARG B 83 -3.86 27.55 4.29
C ARG B 83 -2.58 27.95 4.95
N GLY B 84 -2.33 29.24 4.92
CA GLY B 84 -1.07 29.81 5.40
C GLY B 84 -1.17 30.55 6.75
N SER B 85 -2.36 30.50 7.37
CA SER B 85 -2.62 31.03 8.74
C SER B 85 -3.81 30.27 9.30
N SER B 86 -4.05 30.39 10.61
CA SER B 86 -5.12 29.65 11.23
C SER B 86 -6.49 30.17 10.76
N GLN B 87 -6.56 31.41 10.30
CA GLN B 87 -7.86 31.95 9.90
C GLN B 87 -8.13 32.01 8.44
N ASN B 88 -7.12 31.84 7.59
CA ASN B 88 -7.33 31.90 6.17
C ASN B 88 -8.08 30.63 5.71
N ASP B 89 -8.83 30.76 4.63
CA ASP B 89 -9.56 29.64 4.15
C ASP B 89 -8.63 28.69 3.44
N PHE B 90 -8.96 27.39 3.45
CA PHE B 90 -8.15 26.45 2.66
C PHE B 90 -8.39 26.73 1.23
N TYR B 91 -7.38 26.47 0.39
CA TYR B 91 -7.53 26.53 -1.07
C TYR B 91 -6.78 25.37 -1.70
N ASN B 92 -7.09 25.06 -2.95
CA ASN B 92 -6.44 23.97 -3.67
C ASN B 92 -5.09 24.41 -4.23
N ARG B 93 -4.03 24.13 -3.48
CA ARG B 93 -2.68 24.49 -3.90
C ARG B 93 -2.27 23.74 -5.16
N ARG B 94 -2.25 22.41 -5.07
CA ARG B 94 -1.88 21.56 -6.19
C ARG B 94 -2.63 20.25 -6.18
N THR B 95 -2.51 19.48 -7.26
CA THR B 95 -3.19 18.14 -7.37
C THR B 95 -2.28 17.16 -8.01
N LEU B 96 -2.40 15.91 -7.54
CA LEU B 96 -1.78 14.75 -8.14
C LEU B 96 -2.88 13.80 -8.64
N THR B 97 -2.82 13.50 -9.95
CA THR B 97 -3.75 12.61 -10.61
C THR B 97 -3.03 11.36 -10.87
N SER B 98 -3.53 10.24 -10.30
CA SER B 98 -2.71 9.02 -10.18
C SER B 98 -3.51 7.70 -10.24
N ASN B 99 -2.97 6.71 -10.90
CA ASN B 99 -3.48 5.31 -10.81
C ASN B 99 -2.76 4.52 -9.82
N THR B 100 -1.65 4.99 -9.29
CA THR B 100 -0.85 4.24 -8.35
C THR B 100 -1.27 4.52 -6.91
N ARG B 101 -1.94 5.64 -6.68
CA ARG B 101 -2.45 6.00 -5.35
C ARG B 101 -1.40 6.38 -4.32
N LEU B 102 -0.15 6.54 -4.75
CA LEU B 102 0.92 6.90 -3.87
C LEU B 102 1.14 8.44 -3.89
N VAL B 103 1.31 8.99 -2.72
CA VAL B 103 1.52 10.45 -2.52
C VAL B 103 2.79 10.63 -1.77
N GLY B 104 3.63 11.58 -2.07
CA GLY B 104 4.93 11.73 -1.38
C GLY B 104 5.13 13.07 -0.70
N ILE B 105 5.85 13.07 0.37
CA ILE B 105 6.30 14.30 1.00
CA ILE B 105 6.25 14.27 1.15
C ILE B 105 7.72 14.15 1.51
N LEU B 106 8.47 15.22 1.36
CA LEU B 106 9.89 15.28 1.70
C LEU B 106 10.22 16.58 2.39
N LYS B 107 10.85 16.56 3.55
CA LYS B 107 11.48 17.76 4.11
C LYS B 107 12.93 17.78 3.66
N TYR B 108 13.31 18.89 3.00
CA TYR B 108 14.67 18.99 2.46
C TYR B 108 14.90 20.46 2.09
N GLY B 109 16.10 20.95 2.36
CA GLY B 109 16.52 22.25 1.75
C GLY B 109 15.73 23.39 2.17
N GLY B 110 15.27 23.41 3.37
CA GLY B 110 14.48 24.45 3.93
C GLY B 110 13.01 24.45 3.59
N ARG B 111 12.57 23.49 2.79
CA ARG B 111 11.16 23.46 2.40
C ARG B 111 10.56 22.06 2.28
N ILE B 112 9.25 22.00 2.13
CA ILE B 112 8.51 20.72 1.99
C ILE B 112 8.28 20.51 0.51
N TRP B 113 8.65 19.31 0.06
CA TRP B 113 8.49 18.92 -1.34
C TRP B 113 7.48 17.80 -1.51
N THR B 114 6.60 17.98 -2.49
CA THR B 114 5.52 16.98 -2.82
C THR B 114 5.47 16.72 -4.32
N PHE B 115 4.84 15.62 -4.73
CA PHE B 115 4.59 15.38 -6.12
C PHE B 115 3.26 15.83 -6.61
N HIS B 116 3.22 16.40 -7.81
CA HIS B 116 2.00 16.84 -8.43
C HIS B 116 1.98 16.55 -9.89
N GLY B 117 0.90 16.80 -10.58
CA GLY B 117 0.80 16.47 -11.96
C GLY B 117 0.03 15.20 -12.19
N GLU B 118 0.37 14.49 -13.24
CA GLU B 118 -0.40 13.30 -13.58
C GLU B 118 0.59 12.17 -13.91
N THR B 119 0.42 11.00 -13.25
CA THR B 119 1.24 9.86 -13.47
C THR B 119 1.05 9.46 -14.94
N PRO B 120 2.12 8.93 -15.56
CA PRO B 120 3.44 8.55 -15.00
C PRO B 120 4.46 9.67 -15.11
N ARG B 121 4.02 10.92 -15.19
CA ARG B 121 4.95 12.07 -15.38
C ARG B 121 4.76 13.09 -14.30
N ALA B 122 4.42 12.62 -13.12
CA ALA B 122 4.36 13.52 -11.94
C ALA B 122 5.73 13.97 -11.48
N THR B 123 5.81 15.23 -11.06
CA THR B 123 7.07 15.85 -10.73
C THR B 123 6.97 16.51 -9.34
N THR B 124 8.11 16.92 -8.82
CA THR B 124 8.14 17.52 -7.48
C THR B 124 8.15 19.03 -7.55
N ASP B 125 7.64 19.60 -6.48
CA ASP B 125 7.54 21.04 -6.30
C ASP B 125 7.72 21.32 -4.82
N SER B 126 8.09 22.55 -4.51
CA SER B 126 8.33 23.00 -3.11
C SER B 126 7.34 23.96 -2.56
N SER B 127 7.26 23.97 -1.24
CA SER B 127 6.46 24.88 -0.47
C SER B 127 7.34 25.46 0.65
N ASN B 128 7.20 26.76 0.84
CA ASN B 128 8.00 27.46 1.86
C ASN B 128 7.33 27.54 3.23
N THR B 129 8.18 27.73 4.21
CA THR B 129 7.71 27.97 5.58
C THR B 129 8.80 28.63 6.41
N ALA B 130 8.40 29.38 7.39
CA ALA B 130 9.34 29.91 8.39
C ALA B 130 9.44 29.07 9.63
N ASN B 131 8.74 27.93 9.71
CA ASN B 131 8.88 27.03 10.80
C ASN B 131 8.85 25.60 10.32
N LEU B 132 9.92 25.24 9.62
CA LEU B 132 10.03 23.95 9.02
C LEU B 132 9.94 22.78 9.98
N ASN B 133 10.71 22.79 11.08
CA ASN B 133 10.81 21.68 11.98
C ASN B 133 9.64 21.62 12.93
N GLY B 134 8.82 22.65 12.93
CA GLY B 134 7.57 22.63 13.65
C GLY B 134 6.46 21.87 12.97
N ILE B 135 6.66 21.43 11.72
CA ILE B 135 5.62 20.74 10.99
C ILE B 135 5.54 19.28 11.50
N SER B 136 4.36 18.86 11.91
CA SER B 136 4.06 17.44 12.25
C SER B 136 3.07 16.94 11.26
N ILE B 137 3.10 15.65 10.95
CA ILE B 137 2.14 15.08 9.97
C ILE B 137 1.40 13.90 10.64
N THR B 138 0.09 13.89 10.48
CA THR B 138 -0.76 12.79 10.77
C THR B 138 -1.22 12.07 9.54
N ILE B 139 -0.85 10.78 9.38
CA ILE B 139 -1.06 10.00 8.20
C ILE B 139 -2.18 9.00 8.48
N HIS B 140 -3.15 8.95 7.59
CA HIS B 140 -4.37 8.13 7.78
C HIS B 140 -4.29 6.80 7.08
N SER B 141 -3.34 6.62 6.18
CA SER B 141 -3.09 5.35 5.51
C SER B 141 -1.76 4.82 5.90
N GLU B 142 -1.39 3.69 5.32
CA GLU B 142 -0.08 3.10 5.57
C GLU B 142 0.92 3.89 4.72
N PHE B 143 2.19 3.88 5.14
CA PHE B 143 3.21 4.60 4.41
C PHE B 143 4.56 3.87 4.45
N TYR B 144 5.41 4.16 3.50
CA TYR B 144 6.74 3.71 3.36
C TYR B 144 7.67 4.92 3.54
N ILE B 145 8.94 4.62 3.79
CA ILE B 145 9.99 5.68 3.97
C ILE B 145 11.21 5.33 3.10
N ILE B 146 11.68 6.29 2.30
CA ILE B 146 12.79 6.00 1.35
C ILE B 146 13.73 7.19 1.56
N PRO B 147 15.05 6.92 1.61
CA PRO B 147 15.98 8.05 1.73
C PRO B 147 15.99 8.91 0.45
N ARG B 148 16.27 10.19 0.60
CA ARG B 148 16.37 11.11 -0.54
CA ARG B 148 16.36 11.10 -0.54
C ARG B 148 17.43 10.67 -1.56
N SER B 149 18.45 9.99 -1.06
CA SER B 149 19.47 9.42 -1.97
C SER B 149 18.89 8.46 -3.00
N GLN B 150 17.71 7.90 -2.70
CA GLN B 150 16.98 7.00 -3.56
C GLN B 150 15.73 7.66 -4.18
N GLU B 151 15.76 8.97 -4.34
CA GLU B 151 14.64 9.59 -4.97
C GLU B 151 14.29 9.05 -6.34
N SER B 152 15.27 8.54 -7.09
CA SER B 152 14.88 7.95 -8.39
C SER B 152 13.89 6.83 -8.23
N LYS B 153 14.08 6.00 -7.19
CA LYS B 153 13.10 4.94 -6.89
C LYS B 153 11.77 5.48 -6.35
N CYS B 154 11.80 6.50 -5.49
CA CYS B 154 10.55 7.15 -5.05
C CYS B 154 9.76 7.62 -6.28
N ASN B 155 10.41 8.29 -7.26
CA ASN B 155 9.76 8.83 -8.39
C ASN B 155 9.16 7.62 -9.14
N GLU B 156 9.93 6.53 -9.36
CA GLU B 156 9.39 5.38 -10.07
C GLU B 156 8.12 4.87 -9.39
N TYR B 157 8.15 4.79 -8.07
CA TYR B 157 7.01 4.27 -7.35
C TYR B 157 5.77 5.19 -7.46
N ILE B 158 5.96 6.47 -7.24
CA ILE B 158 4.92 7.44 -7.39
C ILE B 158 4.24 7.34 -8.77
N ASN B 159 5.08 7.17 -9.81
CA ASN B 159 4.56 7.26 -11.13
C ASN B 159 4.11 5.92 -11.71
N ASN B 160 4.62 4.83 -11.18
CA ASN B 160 4.33 3.52 -11.81
C ASN B 160 3.91 2.42 -10.83
N GLY B 161 3.95 2.69 -9.52
CA GLY B 161 3.55 1.69 -8.55
C GLY B 161 4.73 1.06 -7.88
N LEU B 162 4.43 0.39 -6.78
CA LEU B 162 5.41 -0.38 -6.06
C LEU B 162 6.04 -1.47 -6.97
C1 NAG C . 7.15 -11.67 15.15
C2 NAG C . 8.62 -11.79 14.86
C3 NAG C . 8.91 -12.00 13.40
C4 NAG C . 7.90 -13.00 12.75
C5 NAG C . 6.47 -12.80 13.21
C6 NAG C . 5.61 -13.93 12.71
C7 NAG C . 10.31 -10.65 16.32
C8 NAG C . 11.08 -9.33 16.54
N2 NAG C . 9.42 -10.62 15.32
O1 NAG C . 6.93 -11.64 16.56
O3 NAG C . 10.19 -12.62 13.19
O4 NAG C . 7.97 -12.88 11.34
O5 NAG C . 6.45 -12.83 14.64
O6 NAG C . 6.04 -15.25 13.21
O7 NAG C . 10.42 -11.67 17.02
C1 GAL C . 11.24 -11.72 12.83
C2 GAL C . 12.58 -12.28 13.35
C3 GAL C . 13.73 -11.43 12.82
C4 GAL C . 13.68 -11.33 11.28
C5 GAL C . 12.32 -10.73 10.87
C6 GAL C . 11.99 -10.65 9.34
O2 GAL C . 12.54 -12.26 14.77
O3 GAL C . 14.90 -12.07 13.34
O4 GAL C . 13.80 -12.59 10.57
O5 GAL C . 11.25 -11.58 11.40
O6 GAL C . 10.80 -9.90 9.29
C1 BTB D . 15.12 18.69 -4.06
O1 BTB D . 16.43 19.19 -4.34
C2 BTB D . 14.79 17.73 -5.19
C3 BTB D . 13.33 17.39 -4.91
O3 BTB D . 12.78 16.71 -6.05
C4 BTB D . 15.60 16.42 -5.11
O4 BTB D . 15.49 15.85 -3.83
N BTB D . 14.98 18.30 -6.60
C5 BTB D . 14.10 19.51 -6.75
C6 BTB D . 14.45 20.44 -7.88
O6 BTB D . 15.66 20.98 -7.34
C7 BTB D . 16.36 18.26 -7.25
C8 BTB D . 16.42 17.54 -8.58
O8 BTB D . 15.73 16.29 -8.61
#